data_1LOE
#
_entry.id   1LOE
#
_cell.length_a   135.840
_cell.length_b   63.120
_cell.length_c   54.540
_cell.angle_alpha   90.00
_cell.angle_beta   90.00
_cell.angle_gamma   90.00
#
_symmetry.space_group_name_H-M   'P 21 21 2'
#
loop_
_entity.id
_entity.type
_entity.pdbx_description
1 polymer 'LEGUME ISOLECTIN I (ALPHA CHAIN)'
2 polymer 'LEGUME ISOLECTIN I (BETA CHAIN)'
3 non-polymer 'CALCIUM ION'
4 non-polymer 'MANGANESE (II) ION'
5 water water
#
loop_
_entity_poly.entity_id
_entity_poly.type
_entity_poly.pdbx_seq_one_letter_code
_entity_poly.pdbx_strand_id
1 'polypeptide(L)'
;TETTSFSITKFGPDQQNLIFQGDGYTTKERLTLTKAVRNTVGRALYSSPIHIWDSKTGNVANFVTSFTFVIDAPNSYNVA
DGFTFFIAPVDTKPQTGGGYLGVFNSKDYDKTSQTVAVEFDTFYNTAWDPSNGDRHIGIDVNSIKSINTKSWALQNGKEA
NVVIAFNAATNVLTVSLTYPN
;
A,C
2 'polypeptide(L)' ETSYTLNEVVPLKEFVPEWVRIGFSATTGAEFAAHEVLSWYFHSELAGTSSS B,D
#
loop_
_chem_comp.id
_chem_comp.type
_chem_comp.name
_chem_comp.formula
CA non-polymer 'CALCIUM ION' 'Ca 2'
MN non-polymer 'MANGANESE (II) ION' 'Mn 2'
#
# COMPACT_ATOMS: atom_id res chain seq x y z
N THR A 1 -3.40 15.85 -3.03
CA THR A 1 -3.29 14.58 -3.68
C THR A 1 -2.67 13.49 -2.84
N GLU A 2 -3.44 12.41 -2.84
CA GLU A 2 -3.06 11.16 -2.25
C GLU A 2 -3.46 10.17 -3.31
N THR A 3 -2.57 9.28 -3.60
CA THR A 3 -2.80 8.26 -4.56
C THR A 3 -2.26 6.95 -3.96
N THR A 4 -2.90 5.84 -4.32
CA THR A 4 -2.54 4.50 -3.93
C THR A 4 -2.85 3.66 -5.17
N SER A 5 -1.93 2.82 -5.64
CA SER A 5 -2.18 1.92 -6.77
C SER A 5 -1.40 0.63 -6.52
N PHE A 6 -1.89 -0.44 -7.10
CA PHE A 6 -1.16 -1.67 -7.08
C PHE A 6 -1.70 -2.58 -8.16
N SER A 7 -0.90 -3.56 -8.53
CA SER A 7 -1.42 -4.62 -9.37
C SER A 7 -0.70 -5.93 -9.00
N ILE A 8 -1.49 -6.99 -8.93
CA ILE A 8 -1.00 -8.33 -8.73
C ILE A 8 -1.56 -9.10 -9.95
N THR A 9 -0.66 -9.51 -10.83
CA THR A 9 -0.99 -10.24 -12.03
C THR A 9 -1.14 -11.72 -11.75
N LYS A 10 -0.45 -12.26 -10.74
CA LYS A 10 -0.43 -13.68 -10.41
C LYS A 10 -0.15 -13.61 -8.94
N PHE A 11 -0.86 -14.35 -8.13
CA PHE A 11 -0.66 -14.34 -6.71
C PHE A 11 0.36 -15.40 -6.36
N GLY A 12 1.33 -14.97 -5.56
CA GLY A 12 2.41 -15.86 -5.18
C GLY A 12 2.07 -16.54 -3.88
N PRO A 13 2.79 -17.57 -3.41
CA PRO A 13 2.57 -18.24 -2.12
C PRO A 13 2.58 -17.45 -0.84
N ASP A 14 3.37 -16.37 -0.76
CA ASP A 14 3.37 -15.56 0.46
C ASP A 14 3.06 -14.14 -0.01
N GLN A 15 1.78 -13.86 -0.15
CA GLN A 15 1.39 -12.57 -0.71
C GLN A 15 1.24 -11.64 0.49
N GLN A 16 2.38 -11.08 0.91
CA GLN A 16 2.42 -10.30 2.14
C GLN A 16 1.75 -8.95 2.12
N ASN A 17 1.39 -8.39 0.99
CA ASN A 17 0.65 -7.14 0.98
C ASN A 17 -0.84 -7.42 1.02
N LEU A 18 -1.27 -8.65 1.30
CA LEU A 18 -2.67 -8.96 1.43
C LEU A 18 -2.86 -9.38 2.89
N ILE A 19 -4.02 -9.10 3.49
CA ILE A 19 -4.41 -9.57 4.81
C ILE A 19 -5.45 -10.67 4.49
N PHE A 20 -5.37 -11.89 5.04
CA PHE A 20 -6.35 -12.92 4.78
C PHE A 20 -7.17 -13.09 6.04
N GLN A 21 -8.45 -13.38 5.79
CA GLN A 21 -9.45 -13.60 6.82
C GLN A 21 -10.26 -14.82 6.40
N GLY A 22 -10.70 -15.57 7.39
CA GLY A 22 -11.42 -16.84 7.18
C GLY A 22 -10.48 -17.81 6.48
N ASP A 23 -10.99 -18.45 5.44
CA ASP A 23 -10.29 -19.45 4.65
C ASP A 23 -9.48 -18.90 3.50
N GLY A 24 -9.44 -17.59 3.36
CA GLY A 24 -8.79 -17.02 2.21
C GLY A 24 -7.32 -17.39 2.20
N TYR A 25 -6.79 -17.86 1.07
CA TYR A 25 -5.38 -18.09 0.93
C TYR A 25 -5.07 -18.02 -0.55
N THR A 26 -3.83 -18.27 -0.90
CA THR A 26 -3.32 -18.11 -2.24
C THR A 26 -2.78 -19.51 -2.61
N THR A 27 -3.10 -20.01 -3.79
CA THR A 27 -2.69 -21.33 -4.20
C THR A 27 -2.60 -21.24 -5.70
N LYS A 28 -1.40 -21.59 -6.16
CA LYS A 28 -1.15 -21.83 -7.57
C LYS A 28 -1.52 -20.58 -8.36
N GLU A 29 -0.74 -19.51 -8.25
CA GLU A 29 -1.03 -18.29 -9.01
C GLU A 29 -2.36 -17.59 -8.65
N ARG A 30 -3.23 -18.17 -7.81
CA ARG A 30 -4.54 -17.66 -7.53
C ARG A 30 -4.85 -17.34 -6.08
N LEU A 31 -5.72 -16.36 -5.88
CA LEU A 31 -6.23 -16.02 -4.58
C LEU A 31 -7.53 -16.83 -4.50
N THR A 32 -7.71 -17.72 -3.54
CA THR A 32 -8.91 -18.48 -3.44
C THR A 32 -9.48 -18.04 -2.13
N LEU A 33 -10.68 -17.49 -2.32
CA LEU A 33 -11.48 -17.03 -1.22
C LEU A 33 -12.18 -18.21 -0.61
N THR A 34 -12.70 -19.08 -1.50
CA THR A 34 -13.39 -20.26 -1.03
C THR A 34 -12.98 -21.49 -1.83
N LYS A 35 -12.92 -22.62 -1.11
CA LYS A 35 -12.75 -23.93 -1.74
C LYS A 35 -14.16 -24.42 -2.09
N ALA A 36 -14.39 -25.38 -2.97
CA ALA A 36 -15.72 -25.93 -3.23
C ALA A 36 -16.13 -26.83 -2.07
N VAL A 37 -16.34 -26.21 -0.91
CA VAL A 37 -16.62 -26.83 0.39
C VAL A 37 -17.79 -26.07 0.97
N ARG A 38 -18.59 -26.81 1.75
CA ARG A 38 -19.79 -26.24 2.29
C ARG A 38 -19.51 -25.38 3.52
N ASN A 39 -20.41 -24.38 3.66
CA ASN A 39 -20.46 -23.45 4.77
C ASN A 39 -19.13 -22.76 5.10
N THR A 40 -18.39 -22.14 4.19
CA THR A 40 -17.16 -21.44 4.54
C THR A 40 -17.23 -19.95 4.17
N VAL A 41 -16.23 -19.19 4.61
CA VAL A 41 -16.10 -17.76 4.39
C VAL A 41 -14.65 -17.51 4.10
N GLY A 42 -14.30 -16.64 3.19
CA GLY A 42 -12.90 -16.28 3.01
C GLY A 42 -12.89 -14.86 2.53
N ARG A 43 -11.99 -14.04 3.04
CA ARG A 43 -11.86 -12.66 2.56
C ARG A 43 -10.36 -12.33 2.50
N ALA A 44 -9.97 -11.35 1.70
CA ALA A 44 -8.62 -10.92 1.47
C ALA A 44 -8.70 -9.41 1.28
N LEU A 45 -7.87 -8.64 1.98
CA LEU A 45 -7.95 -7.17 1.93
C LEU A 45 -6.62 -6.64 1.49
N TYR A 46 -6.58 -5.48 0.82
CA TYR A 46 -5.29 -4.91 0.53
C TYR A 46 -4.73 -4.42 1.88
N SER A 47 -3.44 -4.66 2.11
CA SER A 47 -2.72 -4.17 3.28
C SER A 47 -2.86 -2.68 3.66
N SER A 48 -2.68 -1.72 2.77
CA SER A 48 -2.73 -0.30 3.15
C SER A 48 -4.18 0.15 3.28
N PRO A 49 -4.61 0.89 4.34
CA PRO A 49 -5.77 1.79 4.29
C PRO A 49 -5.70 2.73 3.08
N ILE A 50 -6.81 3.06 2.44
CA ILE A 50 -6.73 4.00 1.34
C ILE A 50 -7.63 5.17 1.76
N HIS A 51 -7.20 6.38 1.44
CA HIS A 51 -7.88 7.59 1.88
C HIS A 51 -8.98 7.82 0.86
N ILE A 52 -10.22 7.53 1.18
CA ILE A 52 -11.19 7.62 0.13
C ILE A 52 -11.86 8.97 0.16
N TRP A 53 -11.98 9.67 1.27
CA TRP A 53 -12.47 11.03 1.24
C TRP A 53 -11.79 11.81 2.37
N ASP A 54 -11.89 13.12 2.34
CA ASP A 54 -11.33 13.94 3.39
C ASP A 54 -12.31 14.92 4.05
N SER A 55 -12.60 14.81 5.33
CA SER A 55 -13.51 15.77 5.98
C SER A 55 -13.12 17.25 6.00
N LYS A 56 -11.83 17.59 5.93
CA LYS A 56 -11.44 19.00 5.91
C LYS A 56 -11.94 19.68 4.66
N THR A 57 -11.54 19.06 3.57
CA THR A 57 -11.85 19.58 2.26
C THR A 57 -13.21 19.12 1.73
N GLY A 58 -13.83 18.05 2.24
CA GLY A 58 -15.06 17.56 1.59
C GLY A 58 -14.74 16.78 0.31
N ASN A 59 -13.47 16.64 -0.11
CA ASN A 59 -13.16 15.87 -1.30
C ASN A 59 -13.35 14.37 -1.16
N VAL A 60 -13.71 13.67 -2.24
CA VAL A 60 -13.90 12.21 -2.34
C VAL A 60 -12.99 11.82 -3.50
N ALA A 61 -12.42 10.62 -3.38
CA ALA A 61 -11.50 10.08 -4.37
C ALA A 61 -12.21 9.54 -5.61
N ASN A 62 -11.51 9.63 -6.72
CA ASN A 62 -11.87 8.89 -7.90
C ASN A 62 -11.13 7.56 -7.79
N PHE A 63 -11.74 6.43 -8.16
CA PHE A 63 -10.98 5.18 -8.22
C PHE A 63 -11.42 4.25 -9.31
N VAL A 64 -10.54 3.30 -9.64
CA VAL A 64 -10.90 2.24 -10.57
C VAL A 64 -10.19 0.96 -10.08
N THR A 65 -10.85 -0.19 -10.15
CA THR A 65 -10.23 -1.47 -9.83
C THR A 65 -10.77 -2.40 -10.91
N SER A 66 -9.94 -3.32 -11.37
CA SER A 66 -10.38 -4.36 -12.25
C SER A 66 -9.76 -5.68 -11.76
N PHE A 67 -10.48 -6.78 -11.97
CA PHE A 67 -10.03 -8.11 -11.53
C PHE A 67 -10.61 -9.19 -12.40
N THR A 68 -10.04 -10.39 -12.53
CA THR A 68 -10.78 -11.41 -13.22
C THR A 68 -10.89 -12.50 -12.18
N PHE A 69 -12.05 -13.11 -12.15
CA PHE A 69 -12.35 -14.10 -11.14
C PHE A 69 -13.02 -15.30 -11.79
N VAL A 70 -13.06 -16.39 -11.07
CA VAL A 70 -13.63 -17.60 -11.58
C VAL A 70 -14.49 -18.12 -10.48
N ILE A 71 -15.71 -18.61 -10.82
CA ILE A 71 -16.52 -19.34 -9.86
C ILE A 71 -16.60 -20.74 -10.48
N ASP A 72 -16.30 -21.74 -9.67
CA ASP A 72 -16.23 -23.12 -10.10
C ASP A 72 -17.06 -24.03 -9.20
N ALA A 73 -18.30 -24.23 -9.62
CA ALA A 73 -19.25 -25.07 -8.94
C ALA A 73 -19.25 -26.47 -9.51
N PRO A 74 -19.63 -27.47 -8.72
CA PRO A 74 -19.76 -28.86 -9.17
C PRO A 74 -20.73 -29.05 -10.34
N ASN A 75 -21.61 -28.10 -10.59
CA ASN A 75 -22.51 -28.13 -11.73
C ASN A 75 -23.18 -26.76 -11.81
N SER A 76 -23.95 -26.45 -12.85
CA SER A 76 -24.59 -25.16 -13.01
C SER A 76 -25.82 -24.87 -12.15
N TYR A 77 -26.36 -25.79 -11.35
CA TYR A 77 -27.56 -25.50 -10.60
C TYR A 77 -27.28 -25.43 -9.13
N ASN A 78 -26.36 -26.22 -8.61
CA ASN A 78 -26.07 -26.22 -7.19
C ASN A 78 -24.87 -25.33 -6.97
N VAL A 79 -25.22 -24.04 -6.88
CA VAL A 79 -24.22 -23.00 -6.74
C VAL A 79 -24.60 -22.08 -5.61
N ALA A 80 -23.74 -21.79 -4.64
CA ALA A 80 -23.99 -20.81 -3.57
C ALA A 80 -22.65 -20.34 -2.99
N ASP A 81 -22.50 -19.18 -2.35
CA ASP A 81 -23.49 -18.11 -2.27
C ASP A 81 -23.18 -16.91 -3.13
N GLY A 82 -21.90 -16.65 -3.31
CA GLY A 82 -21.50 -15.52 -4.11
C GLY A 82 -20.20 -14.92 -3.60
N PHE A 83 -19.85 -13.84 -4.28
CA PHE A 83 -18.57 -13.20 -4.09
C PHE A 83 -18.81 -11.68 -4.14
N THR A 84 -18.01 -10.92 -3.40
CA THR A 84 -18.13 -9.48 -3.26
C THR A 84 -16.75 -8.82 -3.50
N PHE A 85 -16.77 -7.59 -4.03
CA PHE A 85 -15.67 -6.66 -3.91
C PHE A 85 -16.22 -5.65 -2.87
N PHE A 86 -15.56 -5.25 -1.79
CA PHE A 86 -16.16 -4.31 -0.84
C PHE A 86 -15.16 -3.27 -0.31
N ILE A 87 -15.77 -2.20 0.21
CA ILE A 87 -15.07 -1.05 0.76
C ILE A 87 -15.68 -0.97 2.16
N ALA A 88 -14.86 -1.11 3.19
CA ALA A 88 -15.32 -1.15 4.56
C ALA A 88 -14.37 -0.30 5.41
N PRO A 89 -14.65 -0.03 6.70
CA PRO A 89 -13.69 0.54 7.66
C PRO A 89 -12.38 -0.26 7.79
N VAL A 90 -11.27 0.39 8.06
CA VAL A 90 -9.96 -0.25 8.16
C VAL A 90 -9.87 -1.53 9.00
N ASP A 91 -10.68 -1.65 10.03
CA ASP A 91 -10.60 -2.78 10.95
C ASP A 91 -11.66 -3.83 10.65
N THR A 92 -12.17 -3.87 9.43
CA THR A 92 -13.21 -4.81 9.09
C THR A 92 -12.84 -6.29 9.33
N LYS A 93 -13.76 -7.03 9.95
CA LYS A 93 -13.61 -8.46 10.21
C LYS A 93 -14.77 -9.16 9.47
N PRO A 94 -14.81 -10.47 9.17
CA PRO A 94 -15.94 -11.18 8.53
C PRO A 94 -17.21 -10.98 9.31
N GLN A 95 -18.28 -10.75 8.56
CA GLN A 95 -19.56 -10.61 9.22
C GLN A 95 -20.31 -11.93 9.01
N THR A 96 -21.64 -11.94 8.82
CA THR A 96 -22.36 -13.18 8.70
C THR A 96 -22.04 -13.84 7.38
N GLY A 97 -22.01 -15.14 7.44
CA GLY A 97 -21.70 -15.95 6.27
C GLY A 97 -22.92 -16.23 5.40
N GLY A 98 -22.78 -17.31 4.66
CA GLY A 98 -23.81 -17.78 3.77
C GLY A 98 -24.35 -16.66 2.89
N GLY A 99 -25.66 -16.50 2.90
CA GLY A 99 -26.38 -15.48 2.13
C GLY A 99 -25.93 -14.04 2.34
N TYR A 100 -25.26 -13.73 3.48
CA TYR A 100 -24.75 -12.40 3.78
C TYR A 100 -23.36 -12.09 3.24
N LEU A 101 -22.82 -13.09 2.52
CA LEU A 101 -21.57 -13.03 1.79
C LEU A 101 -20.38 -12.67 2.63
N GLY A 102 -20.38 -12.83 3.97
CA GLY A 102 -19.26 -12.38 4.79
C GLY A 102 -19.11 -10.85 4.95
N VAL A 103 -20.04 -10.02 4.42
CA VAL A 103 -19.94 -8.57 4.53
C VAL A 103 -21.16 -7.95 5.21
N PHE A 104 -22.39 -8.52 5.27
CA PHE A 104 -23.43 -7.83 6.01
C PHE A 104 -24.08 -8.71 7.07
N ASN A 105 -25.05 -8.14 7.80
CA ASN A 105 -25.68 -8.88 8.88
C ASN A 105 -27.21 -8.75 8.84
N SER A 106 -27.79 -7.91 7.99
CA SER A 106 -29.24 -7.84 7.86
C SER A 106 -29.68 -7.24 6.53
N LYS A 107 -30.97 -7.40 6.23
CA LYS A 107 -31.56 -6.81 5.04
C LYS A 107 -32.00 -5.39 5.38
N ASP A 108 -32.20 -5.03 6.65
CA ASP A 108 -32.55 -3.66 7.02
C ASP A 108 -31.28 -2.83 7.03
N TYR A 109 -31.45 -1.56 6.63
CA TYR A 109 -30.38 -0.57 6.62
C TYR A 109 -29.73 -0.39 8.01
N ASP A 110 -28.42 -0.51 7.99
CA ASP A 110 -27.62 -0.43 9.20
C ASP A 110 -26.48 0.54 8.96
N LYS A 111 -26.65 1.73 9.51
CA LYS A 111 -25.70 2.81 9.31
C LYS A 111 -24.35 2.44 9.90
N THR A 112 -24.34 1.59 10.92
CA THR A 112 -23.12 1.14 11.56
C THR A 112 -22.22 0.26 10.68
N SER A 113 -22.77 -0.28 9.60
CA SER A 113 -22.03 -1.16 8.73
C SER A 113 -20.91 -0.41 8.04
N GLN A 114 -21.16 0.79 7.51
CA GLN A 114 -20.15 1.54 6.78
C GLN A 114 -19.38 0.79 5.71
N THR A 115 -20.08 -0.12 5.06
CA THR A 115 -19.57 -0.98 4.01
C THR A 115 -20.40 -0.80 2.70
N VAL A 116 -19.75 -0.67 1.55
CA VAL A 116 -20.42 -0.62 0.26
C VAL A 116 -19.81 -1.84 -0.43
N ALA A 117 -20.63 -2.67 -1.07
CA ALA A 117 -20.13 -3.86 -1.75
C ALA A 117 -20.83 -4.03 -3.09
N VAL A 118 -20.11 -4.59 -4.06
CA VAL A 118 -20.67 -4.91 -5.35
C VAL A 118 -20.75 -6.44 -5.28
N GLU A 119 -21.93 -7.05 -5.36
CA GLU A 119 -22.03 -8.50 -5.23
C GLU A 119 -22.28 -9.23 -6.53
N PHE A 120 -21.86 -10.49 -6.56
CA PHE A 120 -22.03 -11.37 -7.71
C PHE A 120 -22.63 -12.54 -6.96
N ASP A 121 -23.95 -12.56 -6.92
CA ASP A 121 -24.71 -13.45 -6.05
C ASP A 121 -25.29 -14.59 -6.86
N THR A 122 -24.92 -15.81 -6.45
CA THR A 122 -25.30 -16.99 -7.18
C THR A 122 -26.41 -17.79 -6.52
N PHE A 123 -26.97 -17.25 -5.44
CA PHE A 123 -28.04 -17.91 -4.74
C PHE A 123 -29.12 -16.89 -4.30
N TYR A 124 -30.33 -17.29 -4.72
CA TYR A 124 -31.59 -16.57 -4.51
C TYR A 124 -32.05 -16.79 -3.07
N ASN A 125 -32.07 -15.74 -2.25
CA ASN A 125 -32.38 -15.88 -0.83
C ASN A 125 -33.73 -15.20 -0.85
N THR A 126 -34.85 -15.89 -0.50
CA THR A 126 -36.19 -15.35 -0.69
C THR A 126 -36.48 -14.07 0.05
N ALA A 127 -35.93 -13.96 1.25
CA ALA A 127 -36.03 -12.77 2.07
C ALA A 127 -35.55 -11.44 1.47
N TRP A 128 -34.59 -11.35 0.53
CA TRP A 128 -34.11 -10.07 0.06
C TRP A 128 -33.68 -10.03 -1.40
N ASP A 129 -33.48 -11.14 -2.09
CA ASP A 129 -32.97 -11.10 -3.45
C ASP A 129 -34.03 -10.84 -4.48
N PRO A 130 -33.75 -10.48 -5.75
CA PRO A 130 -34.73 -10.26 -6.80
C PRO A 130 -35.74 -11.38 -6.93
N SER A 131 -37.03 -11.01 -6.94
CA SER A 131 -38.13 -11.94 -7.12
C SER A 131 -38.02 -12.84 -8.32
N ASN A 132 -37.34 -12.43 -9.39
CA ASN A 132 -37.20 -13.31 -10.52
C ASN A 132 -36.43 -14.59 -10.18
N GLY A 133 -35.72 -14.59 -9.03
CA GLY A 133 -34.93 -15.73 -8.57
C GLY A 133 -33.66 -15.98 -9.38
N ASP A 134 -33.32 -15.08 -10.27
CA ASP A 134 -32.12 -15.17 -11.06
C ASP A 134 -30.87 -14.75 -10.32
N ARG A 135 -29.75 -15.28 -10.80
CA ARG A 135 -28.37 -14.98 -10.39
C ARG A 135 -28.19 -13.49 -10.77
N HIS A 136 -27.48 -12.69 -9.98
CA HIS A 136 -27.35 -11.27 -10.30
C HIS A 136 -26.15 -10.50 -9.78
N ILE A 137 -25.87 -9.37 -10.40
CA ILE A 137 -24.89 -8.42 -9.95
C ILE A 137 -25.71 -7.45 -9.10
N GLY A 138 -25.27 -6.98 -7.93
CA GLY A 138 -25.97 -5.98 -7.15
C GLY A 138 -25.01 -4.93 -6.52
N ILE A 139 -25.53 -3.76 -6.15
CA ILE A 139 -24.74 -2.77 -5.45
C ILE A 139 -25.39 -2.64 -4.11
N ASP A 140 -24.60 -2.87 -3.09
CA ASP A 140 -25.06 -2.92 -1.72
C ASP A 140 -24.42 -1.82 -0.89
N VAL A 141 -25.21 -1.07 -0.12
CA VAL A 141 -24.61 -0.13 0.81
C VAL A 141 -25.33 -0.39 2.12
N ASN A 142 -24.60 -0.83 3.12
CA ASN A 142 -25.12 -1.04 4.49
C ASN A 142 -26.32 -1.99 4.64
N SER A 143 -26.39 -2.99 3.73
CA SER A 143 -27.48 -3.96 3.67
C SER A 143 -27.21 -5.02 2.56
N ILE A 144 -27.71 -6.24 2.76
CA ILE A 144 -27.58 -7.31 1.76
C ILE A 144 -28.63 -7.26 0.66
N LYS A 145 -29.63 -6.42 0.91
CA LYS A 145 -30.69 -6.08 -0.03
C LYS A 145 -30.11 -4.98 -0.89
N SER A 146 -29.79 -5.30 -2.14
CA SER A 146 -29.14 -4.39 -3.04
C SER A 146 -30.02 -3.19 -3.36
N ILE A 147 -29.41 -2.02 -3.59
CA ILE A 147 -30.16 -0.85 -4.07
C ILE A 147 -30.48 -1.02 -5.56
N ASN A 148 -29.81 -1.88 -6.33
CA ASN A 148 -30.11 -2.04 -7.73
C ASN A 148 -29.40 -3.36 -8.10
N THR A 149 -30.02 -4.16 -8.99
CA THR A 149 -29.48 -5.45 -9.43
C THR A 149 -29.48 -5.55 -10.96
N LYS A 150 -28.71 -6.45 -11.58
CA LYS A 150 -28.83 -6.75 -13.01
C LYS A 150 -28.78 -8.28 -13.08
N SER A 151 -29.69 -8.99 -13.78
CA SER A 151 -29.59 -10.43 -13.93
C SER A 151 -28.33 -10.79 -14.71
N TRP A 152 -27.71 -11.88 -14.29
CA TRP A 152 -26.47 -12.26 -14.89
C TRP A 152 -26.50 -13.74 -15.00
N ALA A 153 -26.02 -14.21 -16.11
CA ALA A 153 -26.00 -15.64 -16.26
C ALA A 153 -24.61 -16.16 -16.00
N LEU A 154 -24.47 -16.90 -14.90
CA LEU A 154 -23.19 -17.49 -14.52
C LEU A 154 -22.62 -18.43 -15.56
N GLN A 155 -21.37 -18.34 -16.01
CA GLN A 155 -20.75 -19.36 -16.85
C GLN A 155 -19.77 -20.08 -15.94
N ASN A 156 -20.17 -21.28 -15.54
CA ASN A 156 -19.44 -22.10 -14.59
C ASN A 156 -18.00 -22.38 -15.01
N GLY A 157 -17.02 -22.07 -14.16
CA GLY A 157 -15.63 -22.35 -14.46
C GLY A 157 -15.00 -21.36 -15.41
N LYS A 158 -15.67 -20.36 -15.99
CA LYS A 158 -15.05 -19.47 -16.97
C LYS A 158 -14.54 -18.19 -16.28
N GLU A 159 -13.50 -17.53 -16.77
CA GLU A 159 -12.98 -16.32 -16.13
C GLU A 159 -13.82 -15.13 -16.56
N ALA A 160 -14.19 -14.30 -15.61
CA ALA A 160 -15.03 -13.11 -15.83
C ALA A 160 -14.16 -11.91 -15.53
N ASN A 161 -14.14 -10.89 -16.39
CA ASN A 161 -13.31 -9.71 -16.24
C ASN A 161 -14.23 -8.63 -15.72
N VAL A 162 -13.90 -8.07 -14.57
CA VAL A 162 -14.72 -7.05 -13.96
C VAL A 162 -14.00 -5.72 -13.83
N VAL A 163 -14.72 -4.61 -14.06
CA VAL A 163 -14.17 -3.29 -13.85
C VAL A 163 -15.15 -2.56 -12.94
N ILE A 164 -14.71 -1.87 -11.89
CA ILE A 164 -15.60 -1.09 -11.06
C ILE A 164 -14.93 0.25 -10.97
N ALA A 165 -15.67 1.34 -11.22
CA ALA A 165 -15.04 2.63 -11.18
C ALA A 165 -15.97 3.60 -10.48
N PHE A 166 -15.39 4.60 -9.82
CA PHE A 166 -16.14 5.61 -9.13
C PHE A 166 -15.61 6.95 -9.56
N ASN A 167 -16.60 7.77 -9.91
CA ASN A 167 -16.33 9.11 -10.35
C ASN A 167 -16.84 10.08 -9.30
N ALA A 168 -15.99 10.77 -8.58
CA ALA A 168 -16.39 11.66 -7.49
C ALA A 168 -17.16 12.87 -7.98
N ALA A 169 -16.87 13.37 -9.17
CA ALA A 169 -17.59 14.52 -9.73
C ALA A 169 -19.10 14.24 -9.86
N THR A 170 -19.56 12.99 -10.12
CA THR A 170 -20.98 12.72 -10.26
C THR A 170 -21.49 11.67 -9.31
N ASN A 171 -20.58 11.13 -8.48
CA ASN A 171 -20.83 10.03 -7.55
C ASN A 171 -21.41 8.76 -8.21
N VAL A 172 -21.07 8.41 -9.44
CA VAL A 172 -21.63 7.19 -10.05
C VAL A 172 -20.52 6.16 -10.01
N LEU A 173 -20.98 5.10 -9.41
CA LEU A 173 -20.26 3.84 -9.31
C LEU A 173 -20.70 3.06 -10.52
N THR A 174 -19.81 2.55 -11.35
CA THR A 174 -20.15 1.77 -12.52
C THR A 174 -19.49 0.39 -12.41
N VAL A 175 -20.20 -0.70 -12.72
CA VAL A 175 -19.63 -2.02 -12.70
C VAL A 175 -19.92 -2.65 -14.04
N SER A 176 -18.87 -3.25 -14.57
CA SER A 176 -18.95 -3.91 -15.84
C SER A 176 -18.34 -5.31 -15.70
N LEU A 177 -19.06 -6.31 -16.20
CA LEU A 177 -18.58 -7.67 -16.17
C LEU A 177 -18.67 -8.21 -17.56
N THR A 178 -17.54 -8.76 -17.97
CA THR A 178 -17.46 -9.39 -19.25
C THR A 178 -16.88 -10.79 -19.20
N TYR A 179 -17.60 -11.77 -19.74
CA TYR A 179 -16.97 -13.06 -19.96
C TYR A 179 -16.49 -12.87 -21.38
N PRO A 180 -15.18 -12.83 -21.63
CA PRO A 180 -14.62 -12.66 -22.95
C PRO A 180 -14.73 -13.90 -23.85
N THR B 2 -19.62 -12.16 -23.40
CA THR B 2 -20.94 -11.63 -23.02
C THR B 2 -20.77 -10.47 -22.02
N SER B 3 -21.56 -9.38 -21.99
CA SER B 3 -21.29 -8.26 -21.10
C SER B 3 -22.52 -7.82 -20.31
N TYR B 4 -22.25 -7.33 -19.10
CA TYR B 4 -23.24 -6.89 -18.12
C TYR B 4 -22.83 -5.59 -17.48
N THR B 5 -23.64 -4.52 -17.45
CA THR B 5 -23.19 -3.25 -16.89
C THR B 5 -24.24 -2.76 -15.91
N LEU B 6 -23.87 -2.13 -14.80
CA LEU B 6 -24.77 -1.67 -13.76
C LEU B 6 -24.18 -0.34 -13.29
N ASN B 7 -25.02 0.67 -13.06
CA ASN B 7 -24.64 2.06 -12.79
C ASN B 7 -25.51 2.58 -11.69
N GLU B 8 -24.95 3.28 -10.70
CA GLU B 8 -25.73 3.83 -9.63
C GLU B 8 -24.99 4.96 -9.01
N VAL B 9 -25.74 6.00 -8.63
CA VAL B 9 -25.18 7.14 -7.95
C VAL B 9 -25.13 6.65 -6.53
N VAL B 10 -23.94 6.55 -5.93
CA VAL B 10 -23.77 6.15 -4.55
C VAL B 10 -22.86 7.21 -3.86
N PRO B 11 -23.35 8.19 -3.07
CA PRO B 11 -22.50 9.28 -2.50
C PRO B 11 -21.66 8.76 -1.33
N LEU B 12 -20.50 8.20 -1.69
CA LEU B 12 -19.66 7.44 -0.77
C LEU B 12 -19.31 8.07 0.56
N LYS B 13 -19.24 9.39 0.57
CA LYS B 13 -18.96 10.19 1.75
C LYS B 13 -19.93 9.92 2.90
N GLU B 14 -21.16 9.57 2.51
CA GLU B 14 -22.25 9.35 3.42
C GLU B 14 -22.23 8.03 4.20
N PHE B 15 -21.65 7.02 3.59
CA PHE B 15 -21.78 5.66 4.07
C PHE B 15 -20.49 5.12 4.61
N VAL B 16 -19.32 5.56 4.17
CA VAL B 16 -18.06 4.90 4.52
C VAL B 16 -17.10 5.84 5.28
N PRO B 17 -16.13 5.41 6.11
CA PRO B 17 -15.17 6.30 6.78
C PRO B 17 -14.19 6.97 5.81
N GLU B 18 -13.49 8.00 6.31
CA GLU B 18 -12.51 8.69 5.46
C GLU B 18 -11.41 7.71 5.03
N TRP B 19 -11.02 6.80 5.89
CA TRP B 19 -10.01 5.81 5.54
C TRP B 19 -10.70 4.44 5.51
N VAL B 20 -10.40 3.65 4.48
CA VAL B 20 -11.06 2.35 4.27
C VAL B 20 -10.04 1.25 3.94
N ARG B 21 -10.38 -0.03 4.07
CA ARG B 21 -9.62 -1.09 3.47
C ARG B 21 -10.62 -1.69 2.45
N ILE B 22 -10.05 -2.15 1.33
CA ILE B 22 -10.78 -2.71 0.19
C ILE B 22 -10.40 -4.18 0.06
N GLY B 23 -11.30 -5.01 -0.48
CA GLY B 23 -10.99 -6.41 -0.65
C GLY B 23 -12.13 -7.20 -1.26
N PHE B 24 -11.92 -8.51 -1.14
CA PHE B 24 -12.84 -9.50 -1.70
C PHE B 24 -13.42 -10.37 -0.63
N SER B 25 -14.66 -10.82 -0.80
CA SER B 25 -15.33 -11.72 0.15
C SER B 25 -16.02 -12.84 -0.60
N ALA B 26 -16.09 -14.07 -0.11
CA ALA B 26 -16.90 -15.10 -0.76
C ALA B 26 -17.35 -16.06 0.30
N THR B 27 -18.51 -16.65 0.09
CA THR B 27 -19.08 -17.59 1.04
C THR B 27 -19.71 -18.75 0.31
N THR B 28 -19.89 -19.84 1.03
CA THR B 28 -20.63 -20.96 0.51
C THR B 28 -21.67 -21.29 1.58
N GLY B 29 -22.68 -22.06 1.17
CA GLY B 29 -23.69 -22.53 2.09
C GLY B 29 -23.75 -24.04 2.07
N ALA B 30 -24.97 -24.55 1.95
CA ALA B 30 -25.23 -25.97 1.84
C ALA B 30 -24.79 -26.38 0.44
N GLU B 31 -25.07 -25.51 -0.55
CA GLU B 31 -24.55 -25.64 -1.89
C GLU B 31 -23.29 -24.80 -1.89
N PHE B 32 -22.30 -25.05 -2.76
CA PHE B 32 -20.98 -24.45 -2.70
C PHE B 32 -20.33 -24.29 -4.08
N ALA B 33 -19.25 -23.53 -4.21
CA ALA B 33 -18.47 -23.34 -5.43
C ALA B 33 -17.06 -22.89 -5.00
N ALA B 34 -16.00 -22.98 -5.77
CA ALA B 34 -14.73 -22.41 -5.42
C ALA B 34 -14.86 -21.01 -5.95
N HIS B 35 -14.30 -20.03 -5.24
CA HIS B 35 -14.31 -18.65 -5.68
C HIS B 35 -12.88 -18.18 -5.68
N GLU B 36 -12.36 -17.82 -6.84
CA GLU B 36 -10.98 -17.48 -6.97
C GLU B 36 -10.79 -16.19 -7.77
N VAL B 37 -9.76 -15.40 -7.47
CA VAL B 37 -9.40 -14.19 -8.19
C VAL B 37 -8.04 -14.48 -8.77
N LEU B 38 -7.91 -14.14 -10.03
CA LEU B 38 -6.70 -14.40 -10.79
C LEU B 38 -5.79 -13.22 -10.97
N SER B 39 -6.26 -11.98 -10.85
CA SER B 39 -5.40 -10.81 -10.99
C SER B 39 -6.13 -9.64 -10.32
N TRP B 40 -5.49 -8.54 -9.89
CA TRP B 40 -6.22 -7.43 -9.29
C TRP B 40 -5.45 -6.16 -9.55
N TYR B 41 -6.12 -5.11 -10.03
CA TYR B 41 -5.50 -3.85 -10.29
C TYR B 41 -6.33 -2.81 -9.52
N PHE B 42 -5.73 -1.79 -8.85
CA PHE B 42 -6.47 -0.76 -8.15
C PHE B 42 -5.73 0.56 -8.28
N HIS B 43 -6.47 1.66 -8.37
CA HIS B 43 -5.85 2.96 -8.38
C HIS B 43 -6.85 3.93 -7.79
N SER B 44 -6.46 4.84 -6.91
CA SER B 44 -7.34 5.90 -6.49
C SER B 44 -6.58 7.19 -6.38
N GLU B 45 -7.31 8.28 -6.43
CA GLU B 45 -6.73 9.60 -6.40
C GLU B 45 -7.68 10.49 -5.59
N LEU B 46 -7.19 11.01 -4.48
CA LEU B 46 -7.90 12.00 -3.66
C LEU B 46 -7.21 13.34 -3.87
N ALA B 47 -7.87 14.29 -4.51
CA ALA B 47 -7.31 15.63 -4.71
C ALA B 47 -7.01 16.39 -3.44
N THR C 1 3.89 -10.20 -12.34
CA THR C 1 4.03 -8.78 -12.28
C THR C 1 3.26 -8.22 -11.11
N GLU C 2 3.97 -7.41 -10.37
CA GLU C 2 3.42 -6.81 -9.20
C GLU C 2 3.93 -5.36 -9.18
N THR C 3 3.04 -4.40 -8.97
CA THR C 3 3.48 -3.05 -8.83
C THR C 3 2.85 -2.54 -7.56
N THR C 4 3.56 -1.63 -6.91
CA THR C 4 3.04 -0.91 -5.77
C THR C 4 3.40 0.55 -6.05
N SER C 5 2.43 1.49 -5.91
CA SER C 5 2.69 2.91 -6.08
C SER C 5 1.86 3.72 -5.10
N PHE C 6 2.33 4.90 -4.73
CA PHE C 6 1.57 5.81 -3.92
C PHE C 6 2.23 7.15 -4.04
N SER C 7 1.50 8.20 -3.71
CA SER C 7 2.01 9.54 -3.63
C SER C 7 1.20 10.27 -2.56
N ILE C 8 1.92 11.08 -1.81
CA ILE C 8 1.38 11.89 -0.74
C ILE C 8 2.04 13.25 -0.99
N THR C 9 1.26 14.21 -1.47
CA THR C 9 1.72 15.57 -1.75
C THR C 9 1.59 16.49 -0.54
N LYS C 10 0.70 16.18 0.37
CA LYS C 10 0.44 17.02 1.51
C LYS C 10 0.18 15.95 2.55
N PHE C 11 0.84 15.90 3.70
CA PHE C 11 0.54 14.88 4.70
C PHE C 11 -0.57 15.41 5.60
N GLY C 12 -1.48 14.56 6.05
CA GLY C 12 -2.59 15.03 6.83
C GLY C 12 -2.38 14.65 8.26
N PRO C 13 -3.19 15.09 9.21
CA PRO C 13 -3.04 14.77 10.60
C PRO C 13 -3.37 13.35 10.96
N ASP C 14 -4.03 12.51 10.17
CA ASP C 14 -4.09 11.09 10.50
C ASP C 14 -3.72 10.32 9.22
N GLN C 15 -2.44 10.28 8.88
CA GLN C 15 -1.98 9.59 7.70
C GLN C 15 -1.98 8.10 8.03
N GLN C 16 -3.14 7.43 7.84
CA GLN C 16 -3.29 5.99 8.22
C GLN C 16 -2.48 4.99 7.40
N ASN C 17 -1.97 5.39 6.24
CA ASN C 17 -1.09 4.50 5.49
C ASN C 17 0.38 4.64 5.84
N LEU C 18 0.74 5.27 6.97
CA LEU C 18 2.11 5.28 7.41
C LEU C 18 2.12 4.66 8.81
N ILE C 19 3.27 4.09 9.16
CA ILE C 19 3.53 3.51 10.49
C ILE C 19 4.56 4.48 11.05
N PHE C 20 4.39 4.99 12.26
CA PHE C 20 5.31 5.94 12.84
C PHE C 20 5.96 5.19 13.93
N GLN C 21 7.26 5.35 13.97
CA GLN C 21 8.10 4.81 15.03
C GLN C 21 8.85 6.00 15.61
N GLY C 22 9.22 5.93 16.88
CA GLY C 22 10.00 6.99 17.54
C GLY C 22 9.20 8.27 17.58
N ASP C 23 9.73 9.44 17.27
CA ASP C 23 8.99 10.70 17.31
C ASP C 23 8.27 11.08 16.02
N GLY C 24 8.25 10.22 15.01
CA GLY C 24 7.66 10.59 13.75
C GLY C 24 6.20 10.89 13.93
N TYR C 25 5.81 12.03 13.35
CA TYR C 25 4.40 12.41 13.35
C TYR C 25 4.15 13.34 12.16
N THR C 26 2.90 13.75 11.81
CA THR C 26 2.63 14.70 10.73
C THR C 26 2.11 16.02 11.33
N THR C 27 2.53 17.18 10.84
CA THR C 27 2.23 18.50 11.43
C THR C 27 2.14 19.47 10.30
N LYS C 28 1.14 20.38 10.20
CA LYS C 28 1.09 21.43 9.20
C LYS C 28 1.44 20.93 7.79
N GLU C 29 0.76 19.83 7.44
CA GLU C 29 0.96 19.13 6.18
C GLU C 29 2.31 18.51 5.90
N ARG C 30 3.21 18.37 6.88
CA ARG C 30 4.53 17.81 6.63
C ARG C 30 4.74 16.60 7.47
N LEU C 31 5.61 15.69 7.03
CA LEU C 31 5.94 14.51 7.82
C LEU C 31 7.13 14.96 8.66
N THR C 32 6.99 15.00 10.00
CA THR C 32 8.08 15.44 10.85
C THR C 32 8.77 14.26 11.49
N LEU C 33 9.98 13.93 11.07
CA LEU C 33 10.78 12.86 11.68
C LEU C 33 11.40 13.20 13.06
N THR C 34 12.02 14.38 13.22
CA THR C 34 12.54 14.85 14.49
C THR C 34 12.15 16.33 14.56
N LYS C 35 11.94 16.85 15.73
CA LYS C 35 11.80 18.27 15.93
C LYS C 35 13.25 18.75 16.20
N ALA C 36 13.58 20.05 16.29
CA ALA C 36 14.94 20.50 16.54
C ALA C 36 15.14 20.34 18.02
N VAL C 37 15.42 19.10 18.43
CA VAL C 37 15.54 18.74 19.85
C VAL C 37 16.63 17.68 19.95
N ARG C 38 17.35 17.68 21.08
CA ARG C 38 18.49 16.79 21.24
C ARG C 38 18.11 15.34 21.46
N ASN C 39 18.99 14.45 21.01
CA ASN C 39 18.93 13.02 21.30
C ASN C 39 17.62 12.29 21.01
N THR C 40 17.08 12.43 19.80
CA THR C 40 15.84 11.74 19.43
C THR C 40 15.95 11.01 18.09
N VAL C 41 14.94 10.15 17.82
CA VAL C 41 14.86 9.39 16.60
C VAL C 41 13.41 9.47 16.17
N GLY C 42 13.15 9.57 14.88
CA GLY C 42 11.79 9.47 14.34
C GLY C 42 11.84 8.65 13.07
N ARG C 43 10.91 7.71 12.85
CA ARG C 43 10.89 6.94 11.61
C ARG C 43 9.46 6.89 11.15
N ALA C 44 9.27 6.66 9.86
CA ALA C 44 7.95 6.49 9.29
C ALA C 44 8.10 5.50 8.14
N LEU C 45 7.23 4.51 8.06
CA LEU C 45 7.29 3.45 7.06
C LEU C 45 5.98 3.49 6.30
N TYR C 46 6.00 3.20 5.01
CA TYR C 46 4.76 2.99 4.27
C TYR C 46 4.14 1.72 4.84
N SER C 47 2.82 1.66 5.04
CA SER C 47 2.31 0.46 5.70
C SER C 47 2.30 -0.82 4.89
N SER C 48 2.21 -0.84 3.56
CA SER C 48 2.21 -2.08 2.82
C SER C 48 3.62 -2.60 2.65
N PRO C 49 3.88 -3.89 2.88
CA PRO C 49 5.05 -4.57 2.34
C PRO C 49 5.13 -4.43 0.81
N ILE C 50 6.33 -4.41 0.27
CA ILE C 50 6.56 -4.25 -1.16
C ILE C 50 7.45 -5.46 -1.58
N HIS C 51 7.10 -6.03 -2.70
CA HIS C 51 7.78 -7.20 -3.19
C HIS C 51 8.88 -6.67 -4.12
N ILE C 52 10.09 -6.72 -3.56
CA ILE C 52 11.26 -6.17 -4.22
C ILE C 52 12.04 -7.20 -5.04
N TRP C 53 12.00 -8.49 -4.72
CA TRP C 53 12.57 -9.47 -5.64
C TRP C 53 11.84 -10.78 -5.42
N ASP C 54 12.07 -11.75 -6.28
CA ASP C 54 11.41 -13.03 -6.18
C ASP C 54 12.40 -14.19 -6.26
N SER C 55 12.37 -15.09 -5.30
CA SER C 55 13.26 -16.23 -5.31
C SER C 55 12.91 -17.25 -6.38
N LYS C 56 11.64 -17.48 -6.74
CA LYS C 56 11.32 -18.46 -7.76
C LYS C 56 11.91 -18.09 -9.11
N THR C 57 11.74 -16.85 -9.54
CA THR C 57 12.29 -16.44 -10.82
C THR C 57 13.66 -15.82 -10.74
N GLY C 58 14.04 -15.30 -9.58
CA GLY C 58 15.27 -14.54 -9.46
C GLY C 58 15.11 -13.09 -9.91
N ASN C 59 13.95 -12.65 -10.39
CA ASN C 59 13.74 -11.27 -10.85
C ASN C 59 13.76 -10.31 -9.68
N VAL C 60 14.22 -9.10 -9.97
CA VAL C 60 14.33 -8.04 -8.94
C VAL C 60 13.51 -6.88 -9.46
N ALA C 61 12.88 -6.12 -8.61
CA ALA C 61 12.10 -4.97 -9.04
C ALA C 61 12.94 -3.81 -9.52
N ASN C 62 12.32 -2.99 -10.36
CA ASN C 62 12.82 -1.68 -10.72
C ASN C 62 12.04 -0.78 -9.79
N PHE C 63 12.55 0.33 -9.27
CA PHE C 63 11.71 1.28 -8.52
C PHE C 63 12.36 2.65 -8.61
N VAL C 64 11.51 3.64 -8.29
CA VAL C 64 11.80 5.07 -8.14
C VAL C 64 11.01 5.61 -6.97
N THR C 65 11.69 6.44 -6.19
CA THR C 65 11.04 7.19 -5.15
C THR C 65 11.54 8.62 -5.34
N SER C 66 10.67 9.60 -5.08
CA SER C 66 11.09 10.99 -5.04
C SER C 66 10.40 11.61 -3.83
N PHE C 67 11.03 12.66 -3.29
CA PHE C 67 10.50 13.36 -2.14
C PHE C 67 11.18 14.69 -2.02
N THR C 68 10.55 15.62 -1.33
CA THR C 68 11.17 16.90 -1.03
C THR C 68 11.38 16.83 0.47
N PHE C 69 12.51 17.23 1.01
CA PHE C 69 12.67 17.24 2.45
C PHE C 69 13.31 18.57 2.88
N VAL C 70 13.31 18.87 4.15
CA VAL C 70 13.87 20.07 4.72
C VAL C 70 14.59 19.69 6.00
N ILE C 71 15.83 20.16 6.09
CA ILE C 71 16.55 20.11 7.35
C ILE C 71 16.59 21.56 7.82
N ASP C 72 16.16 21.80 9.05
CA ASP C 72 16.12 23.11 9.63
C ASP C 72 16.79 23.10 11.01
N ALA C 73 18.02 23.62 11.00
CA ALA C 73 18.97 23.65 12.09
C ALA C 73 19.04 25.06 12.72
N PRO C 74 19.50 25.22 13.98
CA PRO C 74 19.59 26.52 14.66
C PRO C 74 20.54 27.50 14.00
N ASN C 75 21.46 26.99 13.21
CA ASN C 75 22.45 27.74 12.43
C ASN C 75 23.16 26.74 11.54
N SER C 76 23.98 27.18 10.64
CA SER C 76 24.65 26.30 9.73
C SER C 76 25.77 25.42 10.24
N TYR C 77 26.22 25.68 11.47
CA TYR C 77 27.36 24.95 12.02
C TYR C 77 27.06 23.77 12.94
N ASN C 78 26.02 23.89 13.75
CA ASN C 78 25.77 22.93 14.79
C ASN C 78 24.61 22.16 14.22
N VAL C 79 24.86 21.10 13.46
CA VAL C 79 23.78 20.34 12.84
C VAL C 79 24.10 18.83 12.99
N ALA C 80 23.20 18.01 13.55
CA ALA C 80 23.34 16.56 13.60
C ALA C 80 22.00 15.83 13.56
N ASP C 81 21.84 14.54 13.34
CA ASP C 81 22.81 13.69 12.72
C ASP C 81 22.52 13.45 11.28
N GLY C 82 21.27 13.52 10.87
CA GLY C 82 20.96 13.37 9.47
C GLY C 82 19.68 12.59 9.25
N PHE C 83 19.51 12.20 7.99
CA PHE C 83 18.26 11.69 7.47
C PHE C 83 18.54 10.51 6.54
N THR C 84 17.63 9.56 6.38
CA THR C 84 17.85 8.39 5.55
C THR C 84 16.55 8.04 4.79
N PHE C 85 16.58 7.59 3.58
CA PHE C 85 15.47 6.83 2.98
C PHE C 85 15.99 5.35 3.07
N PHE C 86 15.29 4.36 3.62
CA PHE C 86 15.81 3.00 3.74
C PHE C 86 14.81 1.94 3.23
N ILE C 87 15.38 0.77 2.94
CA ILE C 87 14.72 -0.45 2.48
C ILE C 87 15.17 -1.49 3.54
N ALA C 88 14.25 -2.02 4.34
CA ALA C 88 14.46 -2.94 5.45
C ALA C 88 13.47 -4.12 5.45
N PRO C 89 13.63 -5.19 6.23
CA PRO C 89 12.59 -6.19 6.43
C PRO C 89 11.28 -5.55 6.87
N VAL C 90 10.18 -6.25 6.60
CA VAL C 90 8.84 -5.85 6.93
C VAL C 90 8.72 -5.55 8.42
N ASP C 91 9.43 -6.21 9.32
CA ASP C 91 9.28 -5.92 10.73
C ASP C 91 10.35 -4.98 11.30
N THR C 92 11.05 -4.21 10.47
CA THR C 92 12.00 -3.22 10.90
C THR C 92 11.56 -2.33 12.10
N LYS C 93 12.44 -2.21 13.12
CA LYS C 93 12.22 -1.43 14.31
C LYS C 93 13.40 -0.47 14.40
N PRO C 94 13.32 0.68 15.08
CA PRO C 94 14.45 1.61 15.22
C PRO C 94 15.72 0.95 15.76
N GLN C 95 16.88 1.18 15.15
CA GLN C 95 18.13 0.62 15.64
C GLN C 95 18.87 1.71 16.42
N THR C 96 20.21 1.75 16.52
CA THR C 96 20.89 2.78 17.32
C THR C 96 20.66 4.21 16.80
N GLY C 97 20.46 5.21 17.68
CA GLY C 97 20.27 6.63 17.34
C GLY C 97 21.60 7.36 17.12
N GLY C 98 21.65 8.69 17.20
CA GLY C 98 22.89 9.42 17.01
C GLY C 98 23.44 9.20 15.62
N GLY C 99 24.74 9.02 15.42
CA GLY C 99 25.28 8.95 14.08
C GLY C 99 24.91 7.70 13.31
N TYR C 100 24.25 6.72 13.93
CA TYR C 100 23.79 5.50 13.27
C TYR C 100 22.47 5.64 12.56
N LEU C 101 21.85 6.82 12.73
CA LEU C 101 20.68 7.21 11.99
C LEU C 101 19.44 6.35 12.18
N GLY C 102 19.28 5.64 13.32
CA GLY C 102 18.06 4.88 13.61
C GLY C 102 17.95 3.62 12.75
N VAL C 103 18.97 3.33 11.95
CA VAL C 103 18.87 2.25 11.02
C VAL C 103 20.01 1.23 11.15
N PHE C 104 21.21 1.54 11.65
CA PHE C 104 22.25 0.51 11.76
C PHE C 104 22.75 0.51 13.17
N ASN C 105 23.58 -0.48 13.48
CA ASN C 105 24.14 -0.64 14.82
C ASN C 105 25.65 -0.81 14.75
N SER C 106 26.31 -0.68 13.61
CA SER C 106 27.68 -0.99 13.57
C SER C 106 28.27 -0.34 12.37
N LYS C 107 29.58 -0.21 12.46
CA LYS C 107 30.44 0.25 11.39
C LYS C 107 30.88 -0.97 10.55
N ASP C 108 30.78 -2.17 11.08
CA ASP C 108 31.16 -3.39 10.40
C ASP C 108 29.95 -3.96 9.63
N TYR C 109 30.14 -4.70 8.55
CA TYR C 109 29.05 -5.32 7.86
C TYR C 109 28.37 -6.28 8.84
N ASP C 110 27.05 -6.17 8.84
CA ASP C 110 26.16 -6.95 9.68
C ASP C 110 25.11 -7.57 8.78
N LYS C 111 25.29 -8.85 8.44
CA LYS C 111 24.41 -9.56 7.55
C LYS C 111 23.00 -9.65 8.09
N THR C 112 22.76 -9.61 9.40
CA THR C 112 21.43 -9.76 9.90
C THR C 112 20.69 -8.42 9.74
N SER C 113 21.35 -7.37 9.27
CA SER C 113 20.71 -6.07 9.17
C SER C 113 19.74 -6.11 8.04
N GLN C 114 20.15 -6.56 6.85
CA GLN C 114 19.25 -6.64 5.73
C GLN C 114 18.61 -5.31 5.36
N THR C 115 19.36 -4.21 5.49
CA THR C 115 18.79 -2.98 5.04
C THR C 115 19.77 -2.17 4.26
N VAL C 116 19.28 -1.53 3.19
CA VAL C 116 20.11 -0.59 2.53
C VAL C 116 19.40 0.75 2.68
N ALA C 117 20.22 1.80 2.87
CA ALA C 117 19.73 3.14 3.05
C ALA C 117 20.55 4.16 2.27
N VAL C 118 19.99 5.32 1.95
CA VAL C 118 20.71 6.38 1.31
C VAL C 118 20.63 7.42 2.39
N GLU C 119 21.76 7.84 2.86
CA GLU C 119 21.84 8.80 3.94
C GLU C 119 22.15 10.19 3.42
N PHE C 120 21.64 11.16 4.15
CA PHE C 120 21.89 12.58 3.95
C PHE C 120 22.52 12.89 5.31
N ASP C 121 23.83 12.85 5.43
CA ASP C 121 24.49 12.90 6.72
C ASP C 121 25.10 14.28 6.99
N THR C 122 24.63 14.92 8.05
CA THR C 122 25.06 16.26 8.41
C THR C 122 26.08 16.38 9.55
N PHE C 123 26.63 15.26 10.03
CA PHE C 123 27.56 15.29 11.14
C PHE C 123 28.64 14.22 10.91
N TYR C 124 29.87 14.71 10.97
CA TYR C 124 31.06 13.92 10.72
C TYR C 124 31.34 13.11 11.93
N ASN C 125 31.36 11.80 11.76
CA ASN C 125 31.61 10.92 12.88
C ASN C 125 33.03 10.41 12.50
N THR C 126 34.10 10.79 13.21
CA THR C 126 35.48 10.40 12.89
C THR C 126 35.69 8.92 12.60
N ALA C 127 35.10 8.06 13.44
CA ALA C 127 35.06 6.61 13.30
C ALA C 127 34.70 5.97 11.97
N TRP C 128 33.78 6.54 11.16
CA TRP C 128 33.38 5.91 9.88
C TRP C 128 33.14 6.85 8.71
N ASP C 129 32.99 8.14 9.02
CA ASP C 129 32.66 9.07 7.98
C ASP C 129 33.81 9.50 7.13
N PRO C 130 33.62 9.99 5.89
CA PRO C 130 34.71 10.39 5.01
C PRO C 130 35.55 11.38 5.77
N SER C 131 36.83 11.04 5.85
CA SER C 131 37.81 11.79 6.58
C SER C 131 37.85 13.28 6.26
N ASN C 132 37.53 13.68 5.02
CA ASN C 132 37.44 15.10 4.68
C ASN C 132 36.55 15.89 5.61
N GLY C 133 35.67 15.23 6.34
CA GLY C 133 34.83 15.89 7.30
C GLY C 133 33.60 16.56 6.69
N ASP C 134 33.33 16.46 5.40
CA ASP C 134 32.19 17.17 4.82
C ASP C 134 30.88 16.45 5.03
N ARG C 135 29.76 17.17 4.99
CA ARG C 135 28.45 16.54 5.01
C ARG C 135 28.35 15.87 3.66
N HIS C 136 27.52 14.85 3.54
CA HIS C 136 27.54 14.02 2.33
C HIS C 136 26.30 13.16 2.22
N ILE C 137 26.10 12.75 0.99
CA ILE C 137 25.10 11.76 0.66
C ILE C 137 25.85 10.42 0.61
N GLY C 138 25.38 9.31 1.19
CA GLY C 138 26.03 8.00 1.10
C GLY C 138 25.03 6.88 0.83
N ILE C 139 25.55 5.78 0.27
CA ILE C 139 24.76 4.56 0.06
C ILE C 139 25.32 3.56 1.08
N ASP C 140 24.45 3.08 1.96
CA ASP C 140 24.81 2.21 3.05
C ASP C 140 24.22 0.83 2.85
N VAL C 141 25.01 -0.25 2.78
CA VAL C 141 24.36 -1.54 2.79
C VAL C 141 24.94 -2.28 3.99
N ASN C 142 24.01 -2.57 4.90
CA ASN C 142 24.25 -3.29 6.14
C ASN C 142 25.34 -2.76 7.11
N SER C 143 25.64 -1.47 6.99
CA SER C 143 26.70 -0.83 7.76
C SER C 143 26.40 0.67 7.79
N ILE C 144 26.86 1.42 8.79
CA ILE C 144 26.79 2.87 8.73
C ILE C 144 27.99 3.40 7.93
N LYS C 145 29.01 2.58 7.61
CA LYS C 145 30.12 3.03 6.77
C LYS C 145 29.64 2.89 5.35
N SER C 146 29.39 3.98 4.68
CA SER C 146 28.96 3.99 3.32
C SER C 146 29.91 3.32 2.33
N ILE C 147 29.36 2.52 1.44
CA ILE C 147 30.15 2.01 0.35
C ILE C 147 30.50 3.15 -0.59
N ASN C 148 29.77 4.26 -0.64
CA ASN C 148 30.10 5.29 -1.61
C ASN C 148 29.49 6.58 -1.10
N THR C 149 30.10 7.71 -1.32
CA THR C 149 29.70 8.97 -0.72
C THR C 149 29.95 10.13 -1.72
N LYS C 150 29.36 11.31 -1.55
CA LYS C 150 29.54 12.48 -2.40
C LYS C 150 29.40 13.69 -1.48
N SER C 151 30.32 14.65 -1.33
CA SER C 151 30.06 15.80 -0.47
C SER C 151 28.85 16.59 -0.97
N TRP C 152 28.10 17.20 -0.05
CA TRP C 152 26.86 17.91 -0.33
C TRP C 152 26.94 19.12 0.58
N ALA C 153 26.72 20.33 0.05
CA ALA C 153 26.64 21.46 0.95
C ALA C 153 25.16 21.68 1.31
N LEU C 154 24.86 21.51 2.58
CA LEU C 154 23.55 21.74 3.14
C LEU C 154 23.09 23.18 3.01
N GLN C 155 21.86 23.38 2.52
CA GLN C 155 21.27 24.72 2.53
C GLN C 155 20.21 24.65 3.61
N ASN C 156 20.52 25.20 4.79
CA ASN C 156 19.63 25.15 5.96
C ASN C 156 18.27 25.77 5.68
N GLY C 157 17.17 25.07 6.05
CA GLY C 157 15.83 25.59 5.89
C GLY C 157 15.33 25.56 4.48
N LYS C 158 16.10 25.10 3.48
CA LYS C 158 15.65 25.08 2.12
C LYS C 158 15.17 23.70 1.67
N GLU C 159 14.22 23.69 0.73
CA GLU C 159 13.73 22.44 0.18
C GLU C 159 14.71 21.77 -0.78
N ALA C 160 15.04 20.52 -0.50
CA ALA C 160 15.87 19.75 -1.42
C ALA C 160 14.96 18.78 -2.18
N ASN C 161 15.06 18.52 -3.49
CA ASN C 161 14.24 17.49 -4.10
C ASN C 161 15.09 16.25 -4.44
N VAL C 162 14.84 15.07 -3.86
CA VAL C 162 15.62 13.92 -4.27
C VAL C 162 14.83 12.83 -5.02
N VAL C 163 15.53 12.16 -5.94
CA VAL C 163 15.06 11.02 -6.69
C VAL C 163 16.08 9.92 -6.47
N ILE C 164 15.63 8.79 -5.97
CA ILE C 164 16.42 7.58 -5.82
C ILE C 164 15.85 6.59 -6.86
N ALA C 165 16.65 5.92 -7.65
CA ALA C 165 16.11 5.03 -8.64
C ALA C 165 16.93 3.76 -8.65
N PHE C 166 16.31 2.61 -8.82
CA PHE C 166 17.01 1.35 -8.90
C PHE C 166 16.64 0.70 -10.23
N ASN C 167 17.66 0.43 -11.03
CA ASN C 167 17.43 -0.23 -12.28
C ASN C 167 17.85 -1.66 -12.13
N ALA C 168 16.89 -2.58 -12.23
CA ALA C 168 17.09 -4.02 -12.04
C ALA C 168 18.02 -4.66 -13.09
N ALA C 169 18.06 -4.07 -14.28
CA ALA C 169 18.91 -4.55 -15.34
C ALA C 169 20.40 -4.37 -15.04
N THR C 170 20.83 -3.31 -14.35
CA THR C 170 22.25 -3.06 -14.06
C THR C 170 22.66 -3.13 -12.59
N ASN C 171 21.62 -3.29 -11.80
CA ASN C 171 21.68 -3.13 -10.39
C ASN C 171 22.28 -1.78 -10.01
N VAL C 172 22.03 -0.73 -10.81
CA VAL C 172 22.49 0.60 -10.44
C VAL C 172 21.43 1.31 -9.58
N LEU C 173 21.87 1.83 -8.44
CA LEU C 173 21.12 2.66 -7.50
C LEU C 173 21.63 4.07 -7.79
N THR C 174 20.77 4.97 -8.23
CA THR C 174 21.17 6.34 -8.54
C THR C 174 20.48 7.25 -7.55
N VAL C 175 21.17 8.28 -7.03
CA VAL C 175 20.59 9.21 -6.07
C VAL C 175 20.87 10.60 -6.64
N SER C 176 19.86 11.48 -6.70
CA SER C 176 20.01 12.85 -7.17
C SER C 176 19.37 13.72 -6.13
N LEU C 177 20.02 14.76 -5.59
CA LEU C 177 19.27 15.76 -4.83
C LEU C 177 19.63 17.08 -5.49
N THR C 178 18.60 17.89 -5.62
CA THR C 178 18.79 19.19 -6.21
C THR C 178 18.19 20.25 -5.30
N TYR C 179 18.95 21.32 -5.16
CA TYR C 179 18.48 22.51 -4.52
C TYR C 179 18.03 23.44 -5.65
N PRO C 180 16.83 23.98 -5.59
CA PRO C 180 16.40 25.04 -6.46
C PRO C 180 17.25 26.28 -6.33
N ASN C 181 17.76 26.64 -7.52
CA ASN C 181 18.54 27.82 -7.89
C ASN C 181 20.00 27.54 -7.85
N GLU D 1 19.71 25.70 -9.97
CA GLU D 1 20.45 24.53 -10.36
C GLU D 1 21.07 23.56 -9.43
N THR D 2 21.65 23.87 -8.29
CA THR D 2 22.59 22.88 -7.79
C THR D 2 22.08 21.47 -7.48
N SER D 3 22.84 20.54 -8.07
CA SER D 3 22.54 19.11 -8.10
C SER D 3 23.70 18.23 -7.65
N TYR D 4 23.45 17.25 -6.77
CA TYR D 4 24.49 16.34 -6.37
C TYR D 4 23.96 14.96 -6.72
N THR D 5 24.82 14.11 -7.26
CA THR D 5 24.44 12.81 -7.79
C THR D 5 25.42 11.76 -7.28
N LEU D 6 24.92 10.54 -7.10
CA LEU D 6 25.71 9.41 -6.63
C LEU D 6 25.14 8.16 -7.31
N ASN D 7 25.96 7.25 -7.86
CA ASN D 7 25.48 6.01 -8.50
C ASN D 7 26.27 4.90 -7.87
N GLU D 8 25.72 3.72 -7.62
CA GLU D 8 26.52 2.58 -7.20
C GLU D 8 25.78 1.33 -7.64
N VAL D 9 26.52 0.25 -7.93
CA VAL D 9 25.94 -1.04 -8.26
C VAL D 9 25.79 -1.72 -6.92
N VAL D 10 24.55 -2.00 -6.61
CA VAL D 10 24.19 -2.67 -5.37
C VAL D 10 23.21 -3.77 -5.77
N PRO D 11 23.64 -5.03 -5.67
CA PRO D 11 22.84 -6.20 -5.98
C PRO D 11 21.85 -6.42 -4.86
N LEU D 12 20.73 -5.69 -4.84
CA LEU D 12 19.78 -5.74 -3.74
C LEU D 12 19.36 -7.09 -3.25
N LYS D 13 19.17 -8.05 -4.14
CA LYS D 13 18.73 -9.36 -3.68
C LYS D 13 19.73 -10.13 -2.83
N GLU D 14 20.99 -9.67 -2.81
CA GLU D 14 21.97 -10.28 -1.94
C GLU D 14 21.80 -9.74 -0.52
N PHE D 15 21.12 -8.60 -0.39
CA PHE D 15 21.08 -7.92 0.91
C PHE D 15 19.72 -7.83 1.54
N VAL D 16 18.64 -7.65 0.79
CA VAL D 16 17.35 -7.48 1.47
C VAL D 16 16.46 -8.72 1.29
N PRO D 17 15.45 -8.96 2.14
CA PRO D 17 14.44 -9.99 1.93
C PRO D 17 13.66 -9.69 0.64
N GLU D 18 12.90 -10.73 0.25
CA GLU D 18 12.01 -10.60 -0.89
C GLU D 18 10.92 -9.54 -0.67
N TRP D 19 10.40 -9.52 0.54
CA TRP D 19 9.44 -8.54 0.95
C TRP D 19 10.07 -7.55 1.90
N VAL D 20 9.76 -6.27 1.70
CA VAL D 20 10.42 -5.19 2.45
C VAL D 20 9.45 -4.12 2.84
N ARG D 21 9.75 -3.32 3.85
CA ARG D 21 9.00 -2.07 4.05
C ARG D 21 10.04 -0.96 3.81
N ILE D 22 9.60 0.13 3.19
CA ILE D 22 10.46 1.25 2.90
C ILE D 22 10.10 2.41 3.81
N GLY D 23 11.03 3.32 4.13
CA GLY D 23 10.65 4.47 4.92
C GLY D 23 11.73 5.50 5.11
N PHE D 24 11.54 6.38 6.06
CA PHE D 24 12.49 7.43 6.37
C PHE D 24 12.83 7.27 7.82
N SER D 25 14.08 7.70 8.10
CA SER D 25 14.59 7.71 9.49
C SER D 25 15.38 8.99 9.68
N ALA D 26 15.32 9.62 10.84
CA ALA D 26 16.17 10.78 11.10
C ALA D 26 16.53 10.74 12.57
N THR D 27 17.71 11.22 12.96
CA THR D 27 18.08 11.28 14.37
C THR D 27 18.77 12.61 14.72
N THR D 28 18.83 12.90 16.02
CA THR D 28 19.57 14.03 16.55
C THR D 28 20.42 13.47 17.67
N GLY D 29 21.43 14.24 18.11
CA GLY D 29 22.27 13.84 19.23
C GLY D 29 22.39 15.10 20.06
N ALA D 30 23.62 15.47 20.45
CA ALA D 30 23.91 16.72 21.16
C ALA D 30 23.65 17.93 20.28
N GLU D 31 23.99 17.86 19.00
CA GLU D 31 23.63 18.87 18.02
C GLU D 31 22.36 18.33 17.32
N PHE D 32 21.47 19.19 16.85
CA PHE D 32 20.18 18.74 16.37
C PHE D 32 19.63 19.60 15.25
N ALA D 33 18.54 19.15 14.64
CA ALA D 33 17.87 19.85 13.59
C ALA D 33 16.52 19.17 13.40
N ALA D 34 15.53 19.89 12.86
CA ALA D 34 14.25 19.30 12.46
C ALA D 34 14.44 18.67 11.08
N HIS D 35 13.82 17.50 10.88
CA HIS D 35 13.97 16.72 9.67
C HIS D 35 12.56 16.50 9.20
N GLU D 36 12.16 17.10 8.09
CA GLU D 36 10.80 17.02 7.68
C GLU D 36 10.71 16.62 6.24
N VAL D 37 9.63 15.94 5.85
CA VAL D 37 9.45 15.57 4.46
C VAL D 37 8.18 16.22 3.99
N LEU D 38 8.23 16.92 2.85
CA LEU D 38 7.04 17.60 2.35
C LEU D 38 6.14 16.83 1.37
N SER D 39 6.71 15.90 0.63
CA SER D 39 5.95 15.10 -0.34
C SER D 39 6.69 13.80 -0.54
N TRP D 40 6.06 12.71 -0.97
CA TRP D 40 6.68 11.42 -1.21
C TRP D 40 5.94 10.72 -2.35
N TYR D 41 6.63 10.18 -3.34
CA TYR D 41 6.07 9.38 -4.40
C TYR D 41 6.90 8.08 -4.44
N PHE D 42 6.34 6.91 -4.71
CA PHE D 42 7.13 5.71 -4.86
C PHE D 42 6.50 4.82 -5.92
N HIS D 43 7.26 4.15 -6.78
CA HIS D 43 6.66 3.20 -7.68
C HIS D 43 7.53 1.97 -7.79
N SER D 44 7.12 0.72 -7.72
CA SER D 44 8.02 -0.40 -8.01
C SER D 44 7.24 -1.33 -8.89
N GLU D 45 7.96 -2.15 -9.63
CA GLU D 45 7.41 -3.06 -10.58
C GLU D 45 8.28 -4.32 -10.56
N LEU D 46 7.75 -5.48 -10.23
CA LEU D 46 8.47 -6.74 -10.24
C LEU D 46 7.86 -7.52 -11.40
N ALA D 47 8.67 -7.76 -12.44
CA ALA D 47 8.28 -8.56 -13.60
C ALA D 47 7.97 -10.04 -13.23
CA CA E . -28.16 -14.58 -2.39
MN MN F . -28.33 -10.43 -3.86
CA CA G . 27.46 10.96 10.62
MN MN H . 27.92 9.11 6.72
#